data_4AON
#
_entry.id   4AON
#
_cell.length_a   71.022
_cell.length_b   71.022
_cell.length_c   216.376
_cell.angle_alpha   90.00
_cell.angle_beta   90.00
_cell.angle_gamma   120.00
#
_symmetry.space_group_name_H-M   'P 61 2 2'
#
loop_
_entity.id
_entity.type
_entity.pdbx_description
1 polymer 'ASPARTATE-ALPHA-DECARBOXYLASE BETA CHAIN'
2 polymer 'ASPARTATE-ALPHA-DECARBOXYLASE ALPHA CHAIN'
3 non-polymer 'GLUTAMIC ACID'
4 water water
#
loop_
_entity_poly.entity_id
_entity_poly.type
_entity_poly.pdbx_seq_one_letter_code
_entity_poly.pdbx_strand_id
1 'polypeptide(L)' MRGSHHHHHHGLVPRGSMIRTMLQGKLHRVKVTHADLHYEG A,D
2 'polypeptide(L)'
;(PYR)CAIDQDFLDAAGILENEAIDIWNVTNGKRFSTYAIAAERGSRIISVNGAAAHCASVGDIVIIASFVTMPDEEART
WRPNVAYFEGDNEMKRTAKAIPVQVA
;
B,E
#
# COMPACT_ATOMS: atom_id res chain seq x y z
N ARG A 15 -20.86 -14.85 10.86
CA ARG A 15 -20.01 -16.05 11.12
C ARG A 15 -19.30 -16.42 9.83
N GLY A 16 -17.99 -16.51 9.83
CA GLY A 16 -17.36 -16.95 8.61
C GLY A 16 -17.20 -15.83 7.59
N SER A 17 -17.11 -14.62 8.05
CA SER A 17 -17.17 -13.61 7.17
C SER A 17 -15.75 -13.55 6.42
N MET A 18 -15.80 -13.12 5.23
CA MET A 18 -14.60 -12.90 4.46
CA MET A 18 -14.63 -12.81 4.36
C MET A 18 -13.95 -11.55 4.85
N ILE A 19 -12.69 -11.60 5.11
CA ILE A 19 -12.00 -10.46 5.74
C ILE A 19 -10.99 -9.85 4.80
N ARG A 20 -11.07 -8.53 4.61
CA ARG A 20 -10.25 -7.78 3.71
C ARG A 20 -9.03 -7.20 4.46
N THR A 21 -7.97 -6.94 3.75
CA THR A 21 -6.82 -6.18 4.24
C THR A 21 -6.85 -4.82 3.58
N MET A 22 -7.03 -3.72 4.35
CA MET A 22 -7.30 -2.37 3.90
C MET A 22 -6.26 -1.41 4.38
N LEU A 23 -5.92 -0.43 3.61
CA LEU A 23 -5.01 0.67 4.06
C LEU A 23 -5.73 1.35 5.23
N GLN A 24 -5.11 1.35 6.42
CA GLN A 24 -5.67 2.01 7.58
C GLN A 24 -5.34 3.52 7.50
N GLY A 25 -4.10 3.84 7.10
CA GLY A 25 -3.60 5.19 7.11
C GLY A 25 -2.22 5.24 6.61
N LYS A 26 -1.78 6.45 6.25
CA LYS A 26 -0.49 6.61 5.75
C LYS A 26 0.08 7.99 5.98
N LEU A 27 1.39 8.05 6.10
CA LEU A 27 2.16 9.28 6.11
C LEU A 27 2.75 9.43 4.72
N HIS A 28 2.26 10.40 3.96
CA HIS A 28 2.64 10.53 2.56
C HIS A 28 3.79 11.49 2.33
N ARG A 29 4.96 10.98 1.93
CA ARG A 29 6.13 11.76 1.56
C ARG A 29 6.70 12.50 2.76
N VAL A 30 6.80 11.81 3.84
CA VAL A 30 7.61 12.27 4.99
C VAL A 30 9.07 12.07 4.66
N LYS A 31 9.97 12.87 5.21
CA LYS A 31 11.37 12.78 5.01
C LYS A 31 12.02 12.06 6.19
N VAL A 32 12.92 11.18 5.92
CA VAL A 32 13.71 10.49 6.94
C VAL A 32 14.68 11.52 7.59
N THR A 33 14.67 11.59 8.91
CA THR A 33 15.45 12.58 9.70
C THR A 33 16.67 11.98 10.36
N HIS A 34 16.72 10.66 10.56
CA HIS A 34 17.78 9.99 11.27
C HIS A 34 17.85 8.54 10.82
N ALA A 35 19.02 7.96 10.83
CA ALA A 35 19.23 6.56 10.60
C ALA A 35 20.29 5.98 11.55
N ASP A 36 19.96 4.89 12.25
CA ASP A 36 20.75 4.38 13.39
C ASP A 36 20.83 2.86 13.27
N LEU A 37 21.82 2.38 12.51
CA LEU A 37 22.02 0.93 12.41
C LEU A 37 22.21 0.24 13.74
N HIS A 38 22.88 0.88 14.67
CA HIS A 38 23.28 0.25 15.92
CA HIS A 38 23.27 0.24 15.95
C HIS A 38 22.29 0.55 17.05
N TYR A 39 21.03 0.83 16.72
CA TYR A 39 20.02 1.13 17.71
C TYR A 39 19.91 0.00 18.71
N GLU A 40 19.81 0.34 19.99
CA GLU A 40 19.78 -0.68 21.00
C GLU A 40 18.40 -1.05 21.56
N GLY A 41 17.33 -0.35 21.15
CA GLY A 41 15.90 -0.63 21.61
C GLY A 41 15.12 -1.68 20.79
N SER B 1 13.15 -1.07 13.54
CA SER B 1 11.97 -0.20 13.78
C SER B 1 12.06 1.13 13.06
N CYS B 2 11.02 1.92 13.23
CA CYS B 2 10.96 3.28 12.71
C CYS B 2 10.29 4.11 13.77
N ALA B 3 11.04 5.09 14.33
CA ALA B 3 10.52 6.00 15.35
C ALA B 3 9.88 7.20 14.63
N ILE B 4 8.66 7.59 15.04
CA ILE B 4 7.86 8.54 14.32
C ILE B 4 7.21 9.46 15.35
N ASP B 5 7.32 10.77 15.14
CA ASP B 5 6.63 11.76 16.00
C ASP B 5 5.20 11.29 16.30
N GLN B 6 4.82 11.25 17.58
CA GLN B 6 3.51 10.84 18.00
C GLN B 6 2.41 11.66 17.35
N ASP B 7 2.60 12.90 17.02
CA ASP B 7 1.57 13.70 16.31
C ASP B 7 1.29 13.07 14.90
N PHE B 8 2.34 12.59 14.25
CA PHE B 8 2.23 12.00 12.90
C PHE B 8 1.48 10.65 13.06
N LEU B 9 1.83 9.84 14.05
CA LEU B 9 1.12 8.64 14.33
C LEU B 9 -0.34 8.94 14.55
N ASP B 10 -0.72 9.92 15.36
CA ASP B 10 -2.11 10.22 15.63
C ASP B 10 -2.84 10.55 14.34
N ALA B 11 -2.23 11.34 13.47
CA ALA B 11 -2.88 11.82 12.23
C ALA B 11 -3.16 10.64 11.29
N ALA B 12 -2.25 9.70 11.20
CA ALA B 12 -2.39 8.55 10.33
C ALA B 12 -3.11 7.43 11.05
N GLY B 13 -3.48 7.52 12.32
CA GLY B 13 -4.12 6.44 13.03
C GLY B 13 -3.21 5.25 13.32
N ILE B 14 -1.89 5.40 13.26
CA ILE B 14 -0.95 4.35 13.47
C ILE B 14 -0.62 4.22 14.95
N LEU B 15 -0.55 3.05 15.47
CA LEU B 15 -0.27 2.77 16.87
C LEU B 15 1.16 2.44 17.10
N GLU B 16 1.70 2.85 18.27
CA GLU B 16 2.95 2.33 18.74
CA GLU B 16 2.99 2.36 18.61
C GLU B 16 2.93 0.78 18.63
N ASN B 17 4.01 0.18 18.16
CA ASN B 17 4.20 -1.27 18.01
C ASN B 17 3.37 -1.87 16.84
N GLU B 18 2.69 -1.05 16.09
CA GLU B 18 1.96 -1.59 14.93
C GLU B 18 2.89 -1.87 13.79
N ALA B 19 2.65 -2.97 13.05
CA ALA B 19 3.34 -3.24 11.78
C ALA B 19 3.12 -2.11 10.79
N ILE B 20 4.19 -1.67 10.13
CA ILE B 20 4.09 -0.64 9.12
C ILE B 20 4.89 -1.12 7.88
N ASP B 21 4.49 -0.66 6.71
CA ASP B 21 5.24 -0.81 5.48
C ASP B 21 5.86 0.53 5.13
N ILE B 22 7.08 0.55 4.68
CA ILE B 22 7.76 1.76 4.32
C ILE B 22 8.22 1.63 2.86
N TRP B 23 7.76 2.56 2.04
CA TRP B 23 8.04 2.56 0.60
C TRP B 23 8.87 3.78 0.30
N ASN B 24 10.10 3.57 -0.14
CA ASN B 24 11.08 4.63 -0.27
C ASN B 24 10.96 5.20 -1.67
N VAL B 25 10.42 6.42 -1.80
CA VAL B 25 10.22 7.05 -3.09
C VAL B 25 11.56 7.40 -3.71
N THR B 26 12.55 7.76 -2.88
CA THR B 26 13.83 8.17 -3.41
C THR B 26 14.61 7.01 -4.06
N ASN B 27 14.68 5.85 -3.37
CA ASN B 27 15.50 4.77 -3.85
C ASN B 27 14.72 3.48 -4.32
N GLY B 28 13.43 3.50 -4.17
CA GLY B 28 12.56 2.38 -4.55
C GLY B 28 12.50 1.22 -3.61
N LYS B 29 13.27 1.20 -2.51
CA LYS B 29 13.26 0.08 -1.59
C LYS B 29 11.95 -0.01 -0.85
N ARG B 30 11.47 -1.23 -0.54
CA ARG B 30 10.20 -1.44 0.13
C ARG B 30 10.48 -2.39 1.25
N PHE B 31 10.03 -2.09 2.47
CA PHE B 31 10.31 -2.95 3.58
C PHE B 31 9.21 -2.85 4.63
N SER B 32 9.14 -3.82 5.53
CA SER B 32 8.15 -3.87 6.54
C SER B 32 8.84 -3.94 7.94
N THR B 33 8.34 -3.15 8.86
CA THR B 33 8.92 -3.04 10.20
C THR B 33 7.80 -2.75 11.16
N TYR B 34 8.05 -2.06 12.27
CA TYR B 34 7.03 -1.65 13.17
C TYR B 34 7.28 -0.23 13.68
N ALA B 35 6.23 0.43 14.18
CA ALA B 35 6.32 1.80 14.59
C ALA B 35 6.70 1.91 16.05
N ILE B 36 7.55 2.90 16.29
CA ILE B 36 8.04 3.33 17.62
CA ILE B 36 7.78 3.29 17.71
C ILE B 36 7.53 4.78 17.80
N ALA B 37 6.98 5.23 18.93
CA ALA B 37 6.64 6.63 19.09
C ALA B 37 7.88 7.47 19.41
N ALA B 38 8.06 8.58 18.71
CA ALA B 38 9.04 9.61 19.07
C ALA B 38 8.25 10.72 19.73
N GLU B 39 8.99 11.60 20.46
CA GLU B 39 8.37 12.69 21.18
C GLU B 39 7.47 13.55 20.34
N ARG B 40 6.31 13.91 20.90
CA ARG B 40 5.40 14.80 20.19
CA ARG B 40 5.39 14.76 20.21
C ARG B 40 6.09 16.08 19.83
N GLY B 41 5.93 16.50 18.60
CA GLY B 41 6.49 17.73 18.08
C GLY B 41 7.93 17.66 17.64
N SER B 42 8.55 16.47 17.80
CA SER B 42 9.93 16.30 17.38
C SER B 42 10.12 16.29 15.85
N ARG B 43 9.04 15.92 15.13
CA ARG B 43 9.06 15.75 13.66
C ARG B 43 10.04 14.66 13.22
N ILE B 44 10.36 13.75 14.12
CA ILE B 44 11.34 12.68 13.86
C ILE B 44 10.73 11.58 12.96
N ILE B 45 11.53 11.09 12.00
CA ILE B 45 11.32 9.82 11.29
C ILE B 45 12.68 9.16 11.35
N SER B 46 12.88 8.23 12.26
CA SER B 46 14.19 7.59 12.44
C SER B 46 14.16 6.14 12.05
N VAL B 47 14.98 5.73 11.08
CA VAL B 47 15.06 4.31 10.66
CA VAL B 47 15.04 4.35 10.62
C VAL B 47 16.16 3.66 11.41
N ASN B 48 15.80 2.65 12.23
CA ASN B 48 16.68 2.05 13.20
C ASN B 48 16.97 0.63 12.86
N GLY B 49 18.05 0.05 13.32
CA GLY B 49 18.33 -1.29 13.15
C GLY B 49 18.62 -1.63 11.69
N ALA B 50 18.19 -2.83 11.29
CA ALA B 50 18.53 -3.32 9.96
C ALA B 50 17.90 -2.35 8.90
N ALA B 51 16.82 -1.68 9.25
CA ALA B 51 16.13 -0.76 8.36
C ALA B 51 17.00 0.40 7.86
N ALA B 52 18.05 0.69 8.60
CA ALA B 52 18.98 1.72 8.19
C ALA B 52 19.74 1.40 6.89
N HIS B 53 19.73 0.13 6.46
CA HIS B 53 20.25 -0.29 5.15
C HIS B 53 19.29 0.11 4.03
N CYS B 54 18.04 0.47 4.34
CA CYS B 54 17.02 0.68 3.34
C CYS B 54 16.60 2.12 3.14
N ALA B 55 17.03 3.04 4.04
CA ALA B 55 16.69 4.43 3.95
C ALA B 55 17.81 5.26 4.57
N SER B 56 17.98 6.46 4.08
CA SER B 56 18.99 7.41 4.50
C SER B 56 18.31 8.71 4.85
N VAL B 57 18.99 9.52 5.65
CA VAL B 57 18.53 10.86 5.95
C VAL B 57 18.30 11.66 4.69
N GLY B 58 17.12 12.28 4.52
CA GLY B 58 16.75 12.98 3.35
C GLY B 58 15.87 12.23 2.39
N ASP B 59 15.83 10.92 2.52
CA ASP B 59 14.97 10.12 1.63
C ASP B 59 13.53 10.45 1.91
N ILE B 60 12.70 10.49 0.85
CA ILE B 60 11.28 10.68 0.91
C ILE B 60 10.61 9.31 0.98
N VAL B 61 9.76 9.05 1.94
CA VAL B 61 9.12 7.76 2.11
C VAL B 61 7.62 7.91 2.31
N ILE B 62 6.89 6.82 2.06
CA ILE B 62 5.49 6.69 2.40
C ILE B 62 5.46 5.61 3.48
N ILE B 63 4.80 5.86 4.61
CA ILE B 63 4.71 4.92 5.70
C ILE B 63 3.22 4.54 5.82
N ALA B 64 2.90 3.25 5.69
CA ALA B 64 1.53 2.81 5.65
C ALA B 64 1.24 1.77 6.74
N SER B 65 0.05 1.74 7.27
CA SER B 65 -0.41 0.62 8.05
C SER B 65 -1.68 0.04 7.41
N PHE B 66 -1.87 -1.26 7.65
CA PHE B 66 -3.02 -1.99 7.10
C PHE B 66 -3.77 -2.65 8.24
N VAL B 67 -5.07 -2.68 8.15
CA VAL B 67 -5.91 -3.34 9.12
C VAL B 67 -6.86 -4.32 8.38
N THR B 68 -7.42 -5.27 9.12
CA THR B 68 -8.37 -6.20 8.55
C THR B 68 -9.75 -5.92 9.04
N MET B 69 -10.77 -6.15 8.20
CA MET B 69 -12.13 -5.94 8.54
C MET B 69 -13.04 -6.70 7.55
N PRO B 70 -14.26 -6.95 7.92
CA PRO B 70 -15.19 -7.59 6.93
C PRO B 70 -15.42 -6.75 5.71
N ASP B 71 -15.82 -7.45 4.66
CA ASP B 71 -16.05 -6.82 3.36
C ASP B 71 -16.97 -5.61 3.39
N GLU B 72 -18.10 -5.69 4.13
CA GLU B 72 -19.06 -4.63 4.07
C GLU B 72 -18.42 -3.32 4.68
N GLU B 73 -17.70 -3.46 5.79
CA GLU B 73 -17.02 -2.31 6.35
CA GLU B 73 -16.99 -2.33 6.38
C GLU B 73 -15.90 -1.83 5.42
N ALA B 74 -15.20 -2.74 4.76
CA ALA B 74 -14.16 -2.38 3.85
C ALA B 74 -14.65 -1.51 2.69
N ARG B 75 -15.89 -1.79 2.21
CA ARG B 75 -16.42 -1.10 1.10
C ARG B 75 -16.72 0.34 1.34
N THR B 76 -16.85 0.77 2.62
CA THR B 76 -17.03 2.20 2.87
C THR B 76 -15.90 2.81 3.76
N TRP B 77 -14.82 2.11 3.88
CA TRP B 77 -13.72 2.51 4.73
C TRP B 77 -13.00 3.68 4.15
N ARG B 78 -12.60 4.68 5.00
CA ARG B 78 -11.85 5.85 4.68
C ARG B 78 -10.50 5.84 5.39
N PRO B 79 -9.36 5.66 4.66
CA PRO B 79 -8.07 5.68 5.34
C PRO B 79 -7.74 7.07 5.92
N ASN B 80 -6.91 7.06 6.96
CA ASN B 80 -6.38 8.28 7.57
C ASN B 80 -5.11 8.70 6.91
N VAL B 81 -5.10 9.77 6.11
CA VAL B 81 -3.96 10.15 5.32
C VAL B 81 -3.44 11.49 5.79
N ALA B 82 -2.15 11.59 5.97
CA ALA B 82 -1.48 12.84 6.30
C ALA B 82 -0.45 13.12 5.22
N TYR B 83 -0.38 14.35 4.75
CA TYR B 83 0.47 14.76 3.67
C TYR B 83 1.55 15.67 4.21
N PHE B 84 2.75 15.56 3.69
CA PHE B 84 3.89 16.30 4.19
C PHE B 84 4.57 17.07 3.15
N GLU B 85 5.24 18.15 3.59
CA GLU B 85 6.13 18.94 2.75
C GLU B 85 7.20 19.57 3.66
N GLY B 86 8.20 20.16 3.06
CA GLY B 86 9.12 21.01 3.79
C GLY B 86 9.76 20.25 4.92
N ASP B 87 9.80 20.89 6.09
CA ASP B 87 10.44 20.31 7.28
C ASP B 87 9.52 19.39 8.00
N ASN B 88 9.04 18.33 7.31
CA ASN B 88 8.03 17.45 7.83
C ASN B 88 6.88 18.20 8.42
N GLU B 89 6.41 19.16 7.66
CA GLU B 89 5.22 19.94 7.94
C GLU B 89 3.99 19.15 7.49
N MET B 90 3.08 18.85 8.39
CA MET B 90 1.94 18.02 8.11
CA MET B 90 1.91 18.05 8.08
C MET B 90 0.78 18.84 7.64
N LYS B 91 0.11 18.39 6.56
CA LYS B 91 -1.21 18.86 6.07
C LYS B 91 -2.29 17.70 5.99
N ARG B 92 -3.53 18.13 6.03
CA ARG B 92 -4.67 17.21 5.95
C ARG B 92 -5.03 16.91 4.50
N THR B 93 -4.52 17.71 3.54
CA THR B 93 -4.91 17.52 2.13
C THR B 93 -3.68 17.68 1.21
N ALA B 94 -3.84 17.09 0.03
CA ALA B 94 -2.80 16.66 -0.92
C ALA B 94 -1.79 17.60 -1.63
N LYS B 95 -2.03 18.77 -2.27
CA LYS B 95 -3.30 19.50 -2.45
C LYS B 95 -3.12 20.72 -1.53
N ALA B 96 -2.25 21.67 -1.95
CA ALA B 96 -1.43 22.57 -1.02
C ALA B 96 0.12 22.54 -1.35
N ILE B 97 0.54 21.37 -1.78
CA ILE B 97 1.94 20.94 -1.69
C ILE B 97 2.70 21.21 -3.02
N PRO B 98 4.01 21.66 -2.94
CA PRO B 98 4.93 21.88 -4.08
C PRO B 98 5.30 20.51 -4.80
N SER C 17 -11.52 -22.72 14.25
CA SER C 17 -10.58 -21.57 14.51
C SER C 17 -9.49 -21.23 13.56
N MET C 18 -9.27 -22.16 12.54
CA MET C 18 -8.10 -22.03 11.62
C MET C 18 -8.53 -21.20 10.45
N ILE C 19 -7.88 -20.12 10.22
CA ILE C 19 -8.22 -19.13 9.23
C ILE C 19 -7.25 -19.20 8.09
N ARG C 20 -7.73 -19.34 6.86
CA ARG C 20 -6.89 -19.43 5.69
C ARG C 20 -6.81 -18.09 4.94
N THR C 21 -5.68 -17.86 4.25
CA THR C 21 -5.52 -16.73 3.37
C THR C 21 -5.72 -17.24 1.94
N MET C 22 -6.69 -16.71 1.22
CA MET C 22 -7.14 -17.20 -0.09
C MET C 22 -7.05 -16.13 -1.09
N LEU C 23 -6.75 -16.45 -2.34
CA LEU C 23 -6.83 -15.52 -3.44
C LEU C 23 -8.24 -14.99 -3.56
N GLN C 24 -8.49 -13.70 -3.48
CA GLN C 24 -9.77 -13.09 -3.60
C GLN C 24 -10.06 -12.87 -5.09
N GLY C 25 -9.13 -12.37 -5.82
CA GLY C 25 -9.29 -12.06 -7.24
C GLY C 25 -8.06 -11.57 -7.86
N LYS C 26 -8.00 -11.54 -9.18
CA LYS C 26 -6.86 -11.12 -9.88
C LYS C 26 -7.14 -10.54 -11.23
N LEU C 27 -6.32 -9.62 -11.68
CA LEU C 27 -6.28 -9.05 -13.02
C LEU C 27 -5.07 -9.70 -13.64
N HIS C 28 -5.31 -10.56 -14.64
CA HIS C 28 -4.28 -11.35 -15.28
C HIS C 28 -3.74 -10.75 -16.57
N ARG C 29 -2.48 -10.31 -16.56
CA ARG C 29 -1.80 -9.78 -17.71
CA ARG C 29 -1.78 -9.78 -17.69
C ARG C 29 -2.34 -8.47 -18.19
N VAL C 30 -2.57 -7.57 -17.27
CA VAL C 30 -2.81 -6.19 -17.62
C VAL C 30 -1.48 -5.52 -17.94
N LYS C 31 -1.47 -4.43 -18.71
CA LYS C 31 -0.27 -3.66 -19.00
C LYS C 31 -0.32 -2.34 -18.28
N VAL C 32 0.85 -1.99 -17.76
CA VAL C 32 1.02 -0.68 -17.11
C VAL C 32 0.90 0.40 -18.17
N THR C 33 0.07 1.37 -17.92
CA THR C 33 -0.21 2.44 -18.91
C THR C 33 0.46 3.76 -18.55
N HIS C 34 0.80 3.92 -17.24
CA HIS C 34 1.38 5.17 -16.77
C HIS C 34 2.21 4.89 -15.53
N ALA C 35 3.30 5.67 -15.33
CA ALA C 35 4.05 5.63 -14.11
C ALA C 35 4.29 7.08 -13.60
N ASP C 36 4.05 7.29 -12.32
CA ASP C 36 4.03 8.67 -11.72
C ASP C 36 4.73 8.61 -10.38
N LEU C 37 6.05 8.72 -10.41
CA LEU C 37 6.81 8.74 -9.15
C LEU C 37 6.34 9.88 -8.20
N HIS C 38 5.94 10.99 -8.76
CA HIS C 38 5.68 12.22 -7.94
C HIS C 38 4.23 12.34 -7.52
N TYR C 39 3.49 11.26 -7.60
CA TYR C 39 2.08 11.29 -7.22
C TYR C 39 1.82 11.87 -5.81
N GLU C 40 0.78 12.71 -5.71
CA GLU C 40 0.43 13.37 -4.46
C GLU C 40 -0.70 12.84 -3.59
N GLY C 41 -1.35 11.76 -3.95
CA GLY C 41 -2.73 11.43 -3.40
C GLY C 41 -2.84 10.54 -2.15
N SER D 1 0.88 3.65 -4.51
CA SER D 1 -0.44 3.05 -4.95
C SER D 1 -0.43 2.61 -6.43
N CYS D 2 -1.52 1.99 -6.84
CA CYS D 2 -1.74 1.63 -8.26
C CYS D 2 -3.18 1.98 -8.58
N ALA D 3 -3.34 2.86 -9.57
CA ALA D 3 -4.66 3.26 -10.02
C ALA D 3 -5.15 2.35 -11.14
N ILE D 4 -6.38 1.90 -11.01
CA ILE D 4 -6.91 0.82 -11.88
C ILE D 4 -8.31 1.14 -12.31
N ASP D 5 -8.59 1.12 -13.64
CA ASP D 5 -9.93 1.34 -14.16
C ASP D 5 -10.95 0.62 -13.24
N GLN D 6 -11.96 1.36 -12.78
CA GLN D 6 -13.02 0.80 -11.93
C GLN D 6 -13.70 -0.44 -12.50
N ASP D 7 -13.83 -0.52 -13.83
CA ASP D 7 -14.44 -1.74 -14.39
C ASP D 7 -13.61 -2.96 -14.05
N PHE D 8 -12.27 -2.81 -14.06
CA PHE D 8 -11.39 -3.90 -13.80
C PHE D 8 -11.47 -4.27 -12.30
N LEU D 9 -11.49 -3.28 -11.42
CA LEU D 9 -11.68 -3.53 -9.98
C LEU D 9 -13.00 -4.27 -9.78
N ASP D 10 -14.10 -3.86 -10.46
CA ASP D 10 -15.38 -4.50 -10.32
C ASP D 10 -15.27 -6.01 -10.68
N ALA D 11 -14.61 -6.33 -11.82
CA ALA D 11 -14.50 -7.69 -12.30
C ALA D 11 -13.73 -8.61 -11.38
N ALA D 12 -12.69 -8.04 -10.72
CA ALA D 12 -11.82 -8.83 -9.87
C ALA D 12 -12.23 -8.79 -8.38
N GLY D 13 -13.24 -7.98 -8.04
CA GLY D 13 -13.71 -7.82 -6.67
C GLY D 13 -12.71 -7.04 -5.82
N ILE D 14 -11.80 -6.35 -6.41
CA ILE D 14 -10.75 -5.58 -5.69
C ILE D 14 -11.38 -4.24 -5.29
N LEU D 15 -11.16 -3.80 -4.03
CA LEU D 15 -11.74 -2.57 -3.52
C LEU D 15 -10.74 -1.41 -3.57
N GLU D 16 -11.26 -0.19 -3.69
CA GLU D 16 -10.46 0.95 -3.46
C GLU D 16 -9.91 0.84 -2.00
N ASN D 17 -8.62 1.14 -1.86
CA ASN D 17 -7.86 1.09 -0.61
C ASN D 17 -7.51 -0.29 -0.11
N GLU D 18 -7.79 -1.37 -0.88
CA GLU D 18 -7.40 -2.70 -0.51
C GLU D 18 -5.94 -2.96 -0.81
N ALA D 19 -5.28 -3.73 0.06
CA ALA D 19 -3.95 -4.24 -0.21
C ALA D 19 -3.94 -5.11 -1.48
N ILE D 20 -2.99 -4.90 -2.35
CA ILE D 20 -2.82 -5.69 -3.56
C ILE D 20 -1.39 -6.05 -3.75
N ASP D 21 -1.11 -7.21 -4.35
CA ASP D 21 0.17 -7.70 -4.75
C ASP D 21 0.30 -7.46 -6.25
N ILE D 22 1.43 -7.02 -6.73
CA ILE D 22 1.70 -6.83 -8.14
C ILE D 22 2.88 -7.63 -8.52
N TRP D 23 2.73 -8.53 -9.50
CA TRP D 23 3.74 -9.46 -9.93
C TRP D 23 4.05 -9.12 -11.37
N ASN D 24 5.25 -8.66 -11.66
CA ASN D 24 5.60 -8.08 -12.95
C ASN D 24 6.16 -9.20 -13.84
N VAL D 25 5.38 -9.60 -14.83
CA VAL D 25 5.77 -10.68 -15.76
C VAL D 25 6.97 -10.24 -16.60
N THR D 26 7.06 -8.94 -16.98
CA THR D 26 8.11 -8.49 -17.80
C THR D 26 9.44 -8.51 -17.09
N ASN D 27 9.52 -8.00 -15.86
CA ASN D 27 10.86 -7.87 -15.24
C ASN D 27 11.03 -8.69 -13.94
N GLY D 28 9.99 -9.47 -13.58
CA GLY D 28 10.09 -10.31 -12.41
C GLY D 28 9.92 -9.71 -11.03
N LYS D 29 9.85 -8.39 -10.95
CA LYS D 29 9.68 -7.76 -9.63
C LYS D 29 8.34 -8.08 -9.06
N ARG D 30 8.26 -8.10 -7.72
CA ARG D 30 7.11 -8.44 -6.95
C ARG D 30 6.98 -7.42 -5.87
N PHE D 31 5.84 -6.79 -5.70
CA PHE D 31 5.67 -5.80 -4.64
C PHE D 31 4.30 -5.74 -4.17
N SER D 32 4.02 -5.09 -3.06
CA SER D 32 2.74 -4.98 -2.45
C SER D 32 2.41 -3.52 -2.22
N THR D 33 1.22 -3.09 -2.56
CA THR D 33 0.77 -1.74 -2.46
C THR D 33 -0.70 -1.70 -2.12
N TYR D 34 -1.45 -0.69 -2.53
CA TYR D 34 -2.90 -0.67 -2.38
C TYR D 34 -3.53 -0.11 -3.65
N ALA D 35 -4.81 -0.47 -3.86
CA ALA D 35 -5.54 -0.08 -5.08
C ALA D 35 -6.20 1.28 -4.93
N ILE D 36 -6.22 2.06 -6.01
CA ILE D 36 -6.93 3.29 -6.17
C ILE D 36 -7.80 3.14 -7.40
N ALA D 37 -8.99 3.72 -7.45
CA ALA D 37 -9.80 3.65 -8.66
C ALA D 37 -9.33 4.69 -9.67
N ALA D 38 -9.31 4.28 -10.94
CA ALA D 38 -9.23 5.16 -12.07
C ALA D 38 -10.54 5.21 -12.80
N GLU D 39 -10.73 6.19 -13.67
CA GLU D 39 -11.99 6.42 -14.36
C GLU D 39 -12.47 5.14 -15.11
N ARG D 40 -13.75 4.83 -14.97
CA ARG D 40 -14.32 3.67 -15.63
C ARG D 40 -14.19 3.83 -17.13
N GLY D 41 -13.71 2.75 -17.77
CA GLY D 41 -13.52 2.75 -19.17
C GLY D 41 -12.23 3.29 -19.70
N SER D 42 -11.40 3.84 -18.77
CA SER D 42 -10.12 4.39 -19.21
C SER D 42 -9.08 3.33 -19.57
N ARG D 43 -9.27 2.12 -19.05
CA ARG D 43 -8.31 1.05 -19.22
CA ARG D 43 -8.34 1.04 -19.15
C ARG D 43 -6.96 1.36 -18.61
N ILE D 44 -6.93 2.29 -17.64
CA ILE D 44 -5.69 2.65 -16.98
C ILE D 44 -5.20 1.66 -15.93
N ILE D 45 -3.88 1.49 -15.93
CA ILE D 45 -3.12 0.83 -14.84
C ILE D 45 -1.94 1.75 -14.61
N SER D 46 -1.99 2.56 -13.51
CA SER D 46 -0.97 3.57 -13.27
C SER D 46 -0.22 3.23 -11.99
N VAL D 47 1.11 3.13 -12.08
CA VAL D 47 1.93 2.84 -10.91
CA VAL D 47 1.97 2.88 -10.90
C VAL D 47 2.47 4.20 -10.37
N ASN D 48 2.10 4.52 -9.12
CA ASN D 48 2.30 5.86 -8.53
C ASN D 48 3.20 5.75 -7.35
N GLY D 49 3.89 6.83 -7.05
CA GLY D 49 4.72 6.85 -5.83
C GLY D 49 5.90 5.93 -5.98
N ALA D 50 6.35 5.32 -4.90
CA ALA D 50 7.53 4.50 -4.93
C ALA D 50 7.43 3.35 -5.90
N ALA D 51 6.20 2.91 -6.14
CA ALA D 51 5.95 1.76 -7.01
C ALA D 51 6.40 2.03 -8.45
N ALA D 52 6.60 3.25 -8.83
CA ALA D 52 7.11 3.58 -10.14
C ALA D 52 8.51 3.04 -10.38
N HIS D 53 9.28 2.75 -9.29
CA HIS D 53 10.56 2.11 -9.41
C HIS D 53 10.45 0.62 -9.75
N CYS D 54 9.27 0.06 -9.70
CA CYS D 54 9.13 -1.36 -9.89
C CYS D 54 8.43 -1.81 -11.20
N ALA D 55 7.92 -0.86 -11.96
CA ALA D 55 7.22 -1.15 -13.19
C ALA D 55 7.39 0.04 -14.10
N SER D 56 7.44 -0.24 -15.39
CA SER D 56 7.52 0.73 -16.46
C SER D 56 6.28 0.63 -17.33
N VAL D 57 5.96 1.69 -18.01
CA VAL D 57 4.93 1.69 -19.05
C VAL D 57 5.22 0.53 -20.03
N GLY D 58 4.18 -0.26 -20.30
CA GLY D 58 4.24 -1.42 -21.18
C GLY D 58 4.52 -2.72 -20.50
N ASP D 59 4.94 -2.71 -19.21
CA ASP D 59 5.20 -3.98 -18.56
C ASP D 59 3.86 -4.71 -18.38
N ILE D 60 3.90 -6.04 -18.47
CA ILE D 60 2.74 -6.90 -18.24
C ILE D 60 2.80 -7.34 -16.77
N VAL D 61 1.73 -7.18 -16.03
CA VAL D 61 1.64 -7.47 -14.62
C VAL D 61 0.41 -8.31 -14.29
N ILE D 62 0.46 -8.96 -13.15
CA ILE D 62 -0.65 -9.63 -12.55
C ILE D 62 -0.95 -8.91 -11.26
N ILE D 63 -2.18 -8.51 -10.98
CA ILE D 63 -2.55 -7.79 -9.79
C ILE D 63 -3.47 -8.66 -9.02
N ALA D 64 -3.19 -8.95 -7.75
CA ALA D 64 -3.94 -9.87 -6.96
C ALA D 64 -4.36 -9.31 -5.60
N SER D 65 -5.48 -9.67 -5.05
CA SER D 65 -5.83 -9.41 -3.66
C SER D 65 -6.13 -10.72 -2.97
N PHE D 66 -5.96 -10.76 -1.64
CA PHE D 66 -6.16 -11.91 -0.82
C PHE D 66 -7.12 -11.62 0.33
N VAL D 67 -7.95 -12.54 0.75
CA VAL D 67 -8.85 -12.38 1.87
C VAL D 67 -8.66 -13.52 2.81
N THR D 68 -9.11 -13.41 4.06
CA THR D 68 -9.07 -14.48 4.99
C THR D 68 -10.47 -14.98 5.32
N MET D 69 -10.58 -16.25 5.66
CA MET D 69 -11.87 -16.85 6.04
C MET D 69 -11.58 -18.17 6.74
N PRO D 70 -12.55 -18.71 7.47
CA PRO D 70 -12.35 -20.04 8.05
C PRO D 70 -12.12 -21.16 7.04
N ASP D 71 -11.39 -22.15 7.46
CA ASP D 71 -11.11 -23.31 6.62
C ASP D 71 -12.35 -23.89 5.94
N GLU D 72 -13.46 -24.03 6.64
CA GLU D 72 -14.62 -24.66 6.06
C GLU D 72 -15.11 -23.91 4.81
N GLU D 73 -15.06 -22.60 4.83
CA GLU D 73 -15.44 -21.76 3.72
CA GLU D 73 -15.48 -21.78 3.72
C GLU D 73 -14.39 -21.79 2.66
N ALA D 74 -13.12 -21.75 3.04
CA ALA D 74 -12.00 -21.70 2.12
C ALA D 74 -11.97 -22.92 1.18
N ARG D 75 -12.50 -24.06 1.64
CA ARG D 75 -12.49 -25.25 0.83
C ARG D 75 -13.30 -25.11 -0.46
N THR D 76 -14.29 -24.25 -0.50
CA THR D 76 -15.10 -24.08 -1.69
C THR D 76 -15.00 -22.67 -2.31
N TRP D 77 -14.13 -21.83 -1.76
CA TRP D 77 -14.00 -20.45 -2.19
C TRP D 77 -13.58 -20.44 -3.70
N ARG D 78 -14.12 -19.42 -4.41
CA ARG D 78 -13.80 -19.22 -5.81
CA ARG D 78 -13.90 -19.18 -5.79
C ARG D 78 -13.34 -17.79 -6.02
N PRO D 79 -12.11 -17.63 -6.49
CA PRO D 79 -11.64 -16.24 -6.75
CA PRO D 79 -11.56 -16.28 -6.78
C PRO D 79 -12.24 -15.60 -7.97
N ASN D 80 -12.21 -14.28 -8.03
CA ASN D 80 -12.68 -13.47 -9.09
C ASN D 80 -11.62 -13.14 -10.08
N VAL D 81 -11.54 -13.78 -11.26
CA VAL D 81 -10.43 -13.59 -12.16
C VAL D 81 -10.89 -12.92 -13.41
N ALA D 82 -10.14 -11.94 -13.86
CA ALA D 82 -10.36 -11.26 -15.15
C ALA D 82 -9.13 -11.40 -15.99
N TYR D 83 -9.30 -11.75 -17.24
CA TYR D 83 -8.21 -12.01 -18.16
C TYR D 83 -8.13 -10.91 -19.19
N PHE D 84 -6.91 -10.54 -19.59
CA PHE D 84 -6.66 -9.41 -20.49
C PHE D 84 -5.70 -9.78 -21.58
N GLU D 85 -5.83 -9.06 -22.69
CA GLU D 85 -4.81 -9.06 -23.76
C GLU D 85 -4.79 -7.70 -24.42
N GLY D 86 -3.74 -7.48 -25.22
CA GLY D 86 -3.65 -6.30 -26.02
C GLY D 86 -3.58 -5.13 -25.11
N ASP D 87 -4.27 -4.06 -25.49
CA ASP D 87 -4.23 -2.87 -24.70
C ASP D 87 -5.33 -2.91 -23.59
N ASN D 88 -5.08 -3.79 -22.65
CA ASN D 88 -5.99 -3.96 -21.51
C ASN D 88 -7.43 -4.20 -21.92
N GLU D 89 -7.61 -5.04 -22.92
CA GLU D 89 -8.93 -5.50 -23.32
C GLU D 89 -9.31 -6.73 -22.59
N MET D 90 -10.38 -6.59 -21.77
CA MET D 90 -10.86 -7.64 -20.90
C MET D 90 -11.59 -8.71 -21.69
N LYS D 91 -11.09 -9.95 -21.50
CA LYS D 91 -11.55 -11.27 -22.09
C LYS D 91 -10.76 -11.93 -23.13
#